data_9B10
#
_entry.id   9B10
#
_cell.length_a   51.438
_cell.length_b   52.765
_cell.length_c   54.004
_cell.angle_alpha   90.000
_cell.angle_beta   90.000
_cell.angle_gamma   90.000
#
_symmetry.space_group_name_H-M   'P 21 21 21'
#
loop_
_entity.id
_entity.type
_entity.pdbx_description
1 polymer 'ATP-dependent Clp protease adapter protein ClpS'
2 non-polymer TYROSINE
3 non-polymer ARGININE
4 non-polymer 'MAGNESIUM ION'
5 non-polymer GLYCEROL
6 non-polymer 1,2-ETHANEDIOL
7 non-polymer 'TRIETHYLENE GLYCOL'
8 non-polymer 'NICKEL (II) ION'
9 water water
#
_entity_poly.entity_id   1
_entity_poly.type   'polypeptide(L)'
_entity_poly.pdbx_seq_one_letter_code
;ESTEAPWVTIVWDDPVNLMSYVTYVFQKLFGYSEPHATKLMLQVHNEGKAVVSAGSRESMEVDVSKLHAAGLWATMQQDR
;
_entity_poly.pdbx_strand_id   A,B
#
loop_
_chem_comp.id
_chem_comp.type
_chem_comp.name
_chem_comp.formula
EDO non-polymer 1,2-ETHANEDIOL 'C2 H6 O2'
GOL non-polymer GLYCEROL 'C3 H8 O3'
MG non-polymer 'MAGNESIUM ION' 'Mg 2'
NI non-polymer 'NICKEL (II) ION' 'Ni 2'
PGE non-polymer 'TRIETHYLENE GLYCOL' 'C6 H14 O4'
#
# COMPACT_ATOMS: atom_id res chain seq x y z
N ALA A 5 -4.72 -15.21 8.46
CA ALA A 5 -3.76 -14.59 7.55
C ALA A 5 -4.44 -13.47 6.75
N PRO A 6 -3.77 -12.34 6.60
CA PRO A 6 -4.32 -11.27 5.75
C PRO A 6 -4.13 -11.58 4.28
N TRP A 7 -4.90 -10.88 3.47
CA TRP A 7 -4.90 -11.04 2.02
C TRP A 7 -4.57 -9.71 1.37
N VAL A 8 -4.27 -9.77 0.08
CA VAL A 8 -3.99 -8.57 -0.71
C VAL A 8 -4.78 -8.65 -2.00
N THR A 9 -5.11 -7.48 -2.53
CA THR A 9 -5.66 -7.34 -3.87
C THR A 9 -4.55 -6.88 -4.79
N ILE A 10 -4.41 -7.55 -5.92
CA ILE A 10 -3.38 -7.29 -6.91
C ILE A 10 -4.05 -6.84 -8.18
N VAL A 11 -3.55 -5.77 -8.78
CA VAL A 11 -3.97 -5.34 -10.11
C VAL A 11 -2.87 -5.70 -11.09
N TRP A 12 -3.27 -6.24 -12.24
CA TRP A 12 -2.38 -6.75 -13.27
C TRP A 12 -2.44 -5.85 -14.48
N ASP A 13 -1.28 -5.59 -15.08
CA ASP A 13 -1.22 -4.73 -16.26
C ASP A 13 -2.04 -5.33 -17.40
N ASP A 14 -2.72 -4.48 -18.15
CA ASP A 14 -3.49 -4.93 -19.29
C ASP A 14 -3.27 -3.96 -20.44
N PRO A 15 -3.44 -4.42 -21.68
CA PRO A 15 -3.05 -3.58 -22.82
C PRO A 15 -4.09 -2.58 -23.28
N VAL A 16 -5.28 -2.56 -22.69
CA VAL A 16 -6.38 -1.73 -23.16
C VAL A 16 -6.56 -0.48 -22.31
N ASN A 17 -6.59 -0.63 -20.99
CA ASN A 17 -6.93 0.50 -20.14
C ASN A 17 -5.89 1.60 -20.25
N LEU A 18 -6.37 2.84 -20.18
CA LEU A 18 -5.49 4.00 -20.14
C LEU A 18 -4.84 4.13 -18.77
N MET A 19 -3.56 4.49 -18.77
CA MET A 19 -2.89 4.85 -17.53
C MET A 19 -3.70 5.88 -16.75
N SER A 20 -4.21 6.90 -17.43
CA SER A 20 -4.94 7.95 -16.73
C SER A 20 -6.20 7.39 -16.08
N TYR A 21 -6.87 6.46 -16.75
CA TYR A 21 -8.06 5.85 -16.20
C TYR A 21 -7.74 5.07 -14.94
N VAL A 22 -6.65 4.30 -14.97
CA VAL A 22 -6.27 3.46 -13.83
C VAL A 22 -5.99 4.33 -12.61
N THR A 23 -5.26 5.44 -12.79
CA THR A 23 -5.01 6.35 -11.68
C THR A 23 -6.32 6.85 -11.09
N TYR A 24 -7.24 7.28 -11.96
CA TYR A 24 -8.55 7.73 -11.52
C TYR A 24 -9.28 6.64 -10.75
N VAL A 25 -9.29 5.41 -11.27
CA VAL A 25 -10.00 4.32 -10.61
C VAL A 25 -9.48 4.12 -9.19
N PHE A 26 -8.16 4.13 -9.01
CA PHE A 26 -7.62 3.93 -7.66
C PHE A 26 -8.08 5.04 -6.72
N GLN A 27 -8.14 6.29 -7.20
CA GLN A 27 -8.67 7.36 -6.37
C GLN A 27 -10.13 7.15 -6.07
N LYS A 28 -10.92 6.80 -7.09
CA LYS A 28 -12.36 6.72 -6.95
C LYS A 28 -12.76 5.56 -6.04
N LEU A 29 -12.12 4.42 -6.20
CA LEU A 29 -12.54 3.22 -5.48
C LEU A 29 -11.96 3.16 -4.08
N PHE A 30 -10.78 3.70 -3.85
CA PHE A 30 -10.11 3.56 -2.56
C PHE A 30 -9.87 4.87 -1.84
N GLY A 31 -10.17 6.00 -2.47
CA GLY A 31 -9.94 7.29 -1.85
C GLY A 31 -8.50 7.71 -1.80
N TYR A 32 -7.62 7.02 -2.53
CA TYR A 32 -6.21 7.34 -2.47
C TYR A 32 -5.94 8.72 -3.06
N SER A 33 -4.89 9.36 -2.57
CA SER A 33 -4.45 10.62 -3.13
C SER A 33 -3.94 10.40 -4.56
N GLU A 34 -3.75 11.51 -5.28
CA GLU A 34 -3.31 11.38 -6.65
C GLU A 34 -1.88 10.85 -6.72
N PRO A 35 -0.95 11.33 -5.88
CA PRO A 35 0.39 10.73 -5.91
C PRO A 35 0.40 9.25 -5.58
N HIS A 36 -0.42 8.83 -4.62
CA HIS A 36 -0.50 7.42 -4.25
C HIS A 36 -1.06 6.59 -5.40
N ALA A 37 -2.19 7.03 -5.98
CA ALA A 37 -2.81 6.33 -7.09
C ALA A 37 -1.86 6.26 -8.28
N THR A 38 -1.17 7.34 -8.60
CA THR A 38 -0.24 7.39 -9.74
C THR A 38 0.89 6.40 -9.50
N LYS A 39 1.42 6.35 -8.29
CA LYS A 39 2.57 5.47 -7.98
C LYS A 39 2.12 4.00 -8.17
N LEU A 40 0.92 3.67 -7.70
CA LEU A 40 0.40 2.28 -7.86
C LEU A 40 0.19 1.98 -9.34
N MET A 41 -0.40 2.90 -10.10
CA MET A 41 -0.61 2.67 -11.53
C MET A 41 0.71 2.42 -12.23
N LEU A 42 1.73 3.22 -11.92
CA LEU A 42 3.03 3.05 -12.57
C LEU A 42 3.70 1.76 -12.13
N GLN A 43 3.52 1.33 -10.89
CA GLN A 43 4.04 0.04 -10.47
C GLN A 43 3.41 -1.09 -11.27
N VAL A 44 2.09 -1.06 -11.44
CA VAL A 44 1.44 -2.05 -12.31
C VAL A 44 2.07 -1.99 -13.70
N HIS A 45 2.20 -0.78 -14.23
CA HIS A 45 2.61 -0.64 -15.62
C HIS A 45 4.05 -1.09 -15.84
N ASN A 46 4.93 -0.79 -14.89
CA ASN A 46 6.35 -1.04 -15.08
C ASN A 46 6.82 -2.37 -14.49
N GLU A 47 6.09 -2.94 -13.54
CA GLU A 47 6.42 -4.25 -12.98
C GLU A 47 5.49 -5.36 -13.43
N GLY A 48 4.33 -5.00 -14.00
CA GLY A 48 3.36 -5.97 -14.45
C GLY A 48 2.20 -6.18 -13.50
N LYS A 49 2.37 -5.86 -12.22
CA LYS A 49 1.33 -6.02 -11.22
C LYS A 49 1.72 -5.22 -9.99
N ALA A 50 0.74 -4.99 -9.12
CA ALA A 50 1.03 -4.33 -7.86
C ALA A 50 -0.07 -4.65 -6.86
N VAL A 51 0.33 -4.77 -5.58
CA VAL A 51 -0.65 -4.80 -4.50
C VAL A 51 -1.26 -3.42 -4.37
N VAL A 52 -2.58 -3.35 -4.41
CA VAL A 52 -3.28 -2.07 -4.30
C VAL A 52 -4.06 -1.92 -3.00
N SER A 53 -4.31 -3.00 -2.27
CA SER A 53 -4.99 -2.94 -0.99
C SER A 53 -4.70 -4.23 -0.24
N ALA A 54 -4.99 -4.21 1.06
CA ALA A 54 -4.70 -5.35 1.93
C ALA A 54 -5.73 -5.37 3.04
N GLY A 55 -6.04 -6.57 3.52
CA GLY A 55 -6.98 -6.74 4.61
C GLY A 55 -7.47 -8.18 4.65
N SER A 56 -8.64 -8.37 5.27
CA SER A 56 -9.20 -9.71 5.38
C SER A 56 -9.58 -10.24 3.99
N ARG A 57 -9.67 -11.57 3.90
CA ARG A 57 -10.08 -12.20 2.65
C ARG A 57 -11.40 -11.62 2.17
N GLU A 58 -12.36 -11.50 3.08
CA GLU A 58 -13.68 -10.99 2.70
CA GLU A 58 -13.68 -10.99 2.70
C GLU A 58 -13.61 -9.56 2.18
N SER A 59 -12.79 -8.72 2.81
CA SER A 59 -12.66 -7.34 2.35
CA SER A 59 -12.68 -7.34 2.35
C SER A 59 -11.98 -7.27 0.99
N MET A 60 -11.02 -8.15 0.74
CA MET A 60 -10.35 -8.14 -0.56
C MET A 60 -11.28 -8.65 -1.66
N GLU A 61 -12.21 -9.54 -1.32
CA GLU A 61 -13.19 -9.96 -2.31
CA GLU A 61 -13.19 -9.96 -2.31
C GLU A 61 -13.98 -8.77 -2.82
N VAL A 62 -14.32 -7.84 -1.94
CA VAL A 62 -15.05 -6.64 -2.36
C VAL A 62 -14.17 -5.78 -3.26
N ASP A 63 -12.90 -5.60 -2.90
CA ASP A 63 -12.03 -4.76 -3.71
C ASP A 63 -11.87 -5.36 -5.11
N VAL A 64 -11.71 -6.67 -5.21
CA VAL A 64 -11.63 -7.31 -6.52
C VAL A 64 -12.90 -7.04 -7.32
N SER A 65 -14.06 -7.22 -6.69
CA SER A 65 -15.32 -6.97 -7.41
C SER A 65 -15.41 -5.54 -7.89
N LYS A 66 -15.03 -4.58 -7.04
CA LYS A 66 -15.11 -3.17 -7.43
C LYS A 66 -14.19 -2.90 -8.61
N LEU A 67 -12.98 -3.47 -8.58
CA LEU A 67 -12.03 -3.26 -9.66
C LEU A 67 -12.50 -3.91 -10.95
N HIS A 68 -13.08 -5.12 -10.86
CA HIS A 68 -13.61 -5.75 -12.07
C HIS A 68 -14.69 -4.91 -12.69
N ALA A 69 -15.57 -4.34 -11.87
CA ALA A 69 -16.65 -3.52 -12.43
C ALA A 69 -16.09 -2.29 -13.12
N ALA A 70 -14.95 -1.79 -12.67
CA ALA A 70 -14.29 -0.67 -13.33
C ALA A 70 -13.50 -1.11 -14.55
N GLY A 71 -13.38 -2.40 -14.80
CA GLY A 71 -12.73 -2.90 -15.98
C GLY A 71 -11.26 -3.24 -15.81
N LEU A 72 -10.75 -3.27 -14.59
CA LEU A 72 -9.36 -3.59 -14.34
CA LEU A 72 -9.36 -3.59 -14.34
C LEU A 72 -9.20 -5.06 -13.99
N TRP A 73 -8.00 -5.58 -14.24
CA TRP A 73 -7.68 -6.98 -13.98
C TRP A 73 -7.19 -7.08 -12.54
N ALA A 74 -8.02 -7.61 -11.66
CA ALA A 74 -7.68 -7.70 -10.26
C ALA A 74 -7.88 -9.12 -9.76
N THR A 75 -6.99 -9.56 -8.90
CA THR A 75 -7.13 -10.84 -8.20
C THR A 75 -6.78 -10.60 -6.74
N MET A 76 -7.00 -11.61 -5.92
CA MET A 76 -6.59 -11.55 -4.52
CA MET A 76 -6.59 -11.54 -4.53
C MET A 76 -5.84 -12.83 -4.18
N GLN A 77 -4.98 -12.70 -3.18
CA GLN A 77 -4.25 -13.86 -2.71
C GLN A 77 -3.85 -13.60 -1.28
N GLN A 78 -3.56 -14.69 -0.58
CA GLN A 78 -3.11 -14.60 0.79
CA GLN A 78 -3.11 -14.60 0.79
C GLN A 78 -1.74 -13.93 0.82
N ASP A 79 -1.56 -13.05 1.79
CA ASP A 79 -0.25 -12.46 2.02
C ASP A 79 0.54 -13.43 2.88
N ARG A 80 1.79 -13.67 2.50
CA ARG A 80 2.64 -14.61 3.21
CA ARG A 80 2.64 -14.61 3.21
C ARG A 80 3.77 -13.88 3.95
N ALA B 5 12.87 -8.20 -7.93
CA ALA B 5 11.91 -8.75 -6.99
C ALA B 5 11.22 -7.63 -6.21
N PRO B 6 9.97 -7.83 -5.81
CA PRO B 6 9.25 -6.80 -5.05
C PRO B 6 9.60 -6.87 -3.56
N TRP B 7 9.76 -5.68 -2.97
CA TRP B 7 10.06 -5.54 -1.56
C TRP B 7 9.01 -4.64 -0.90
N VAL B 8 8.97 -4.70 0.43
CA VAL B 8 8.09 -3.86 1.22
C VAL B 8 8.87 -3.20 2.34
N THR B 9 8.38 -2.05 2.79
CA THR B 9 8.85 -1.38 4.00
C THR B 9 7.79 -1.56 5.08
N ILE B 10 8.26 -1.94 6.27
CA ILE B 10 7.41 -2.17 7.42
C ILE B 10 7.80 -1.16 8.50
N VAL B 11 6.80 -0.51 9.11
CA VAL B 11 7.02 0.35 10.27
C VAL B 11 6.54 -0.39 11.51
N TRP B 12 7.32 -0.25 12.58
CA TRP B 12 7.11 -0.95 13.85
C TRP B 12 6.71 0.06 14.92
N ASP B 13 5.75 -0.32 15.76
CA ASP B 13 5.29 0.57 16.80
C ASP B 13 6.43 0.91 17.75
N ASP B 14 6.43 2.15 18.24
CA ASP B 14 7.42 2.60 19.21
C ASP B 14 6.72 3.44 20.27
N PRO B 15 7.33 3.57 21.45
CA PRO B 15 6.68 4.29 22.55
C PRO B 15 7.00 5.77 22.62
N VAL B 16 7.74 6.30 21.65
CA VAL B 16 8.21 7.69 21.69
C VAL B 16 7.33 8.60 20.84
N ASN B 17 7.02 8.18 19.62
CA ASN B 17 6.39 9.08 18.67
C ASN B 17 4.89 9.23 18.91
N LEU B 18 4.41 10.43 18.62
CA LEU B 18 2.99 10.72 18.66
C LEU B 18 2.29 10.10 17.47
N MET B 19 1.09 9.58 17.71
CA MET B 19 0.26 9.11 16.61
CA MET B 19 0.26 9.11 16.60
C MET B 19 0.10 10.18 15.53
N SER B 20 -0.13 11.43 15.96
CA SER B 20 -0.33 12.50 14.98
C SER B 20 0.91 12.72 14.14
N TYR B 21 2.09 12.62 14.76
CA TYR B 21 3.33 12.76 14.03
C TYR B 21 3.48 11.67 12.97
N VAL B 22 3.15 10.43 13.34
CA VAL B 22 3.31 9.31 12.41
C VAL B 22 2.41 9.51 11.20
N THR B 23 1.15 9.90 11.42
CA THR B 23 0.26 10.18 10.30
C THR B 23 0.86 11.22 9.37
N TYR B 24 1.34 12.32 9.94
CA TYR B 24 2.00 13.36 9.16
C TYR B 24 3.17 12.80 8.37
N VAL B 25 4.03 12.03 9.02
CA VAL B 25 5.21 11.50 8.34
C VAL B 25 4.80 10.63 7.16
N PHE B 26 3.79 9.80 7.32
CA PHE B 26 3.35 8.97 6.22
C PHE B 26 2.85 9.82 5.06
N GLN B 27 2.14 10.91 5.33
CA GLN B 27 1.75 11.81 4.24
C GLN B 27 2.96 12.47 3.62
N LYS B 28 3.88 12.95 4.45
CA LYS B 28 5.04 13.68 3.95
C LYS B 28 5.92 12.79 3.08
N LEU B 29 6.18 11.57 3.54
CA LEU B 29 7.15 10.72 2.85
C LEU B 29 6.56 10.00 1.66
N PHE B 30 5.28 9.65 1.71
CA PHE B 30 4.68 8.81 0.69
C PHE B 30 3.59 9.50 -0.11
N GLY B 31 3.18 10.69 0.29
CA GLY B 31 2.15 11.41 -0.43
C GLY B 31 0.76 10.85 -0.25
N TYR B 32 0.56 9.99 0.75
CA TYR B 32 -0.74 9.38 0.98
C TYR B 32 -1.75 10.42 1.42
N SER B 33 -3.02 10.12 1.16
CA SER B 33 -4.12 10.87 1.71
C SER B 33 -4.10 10.78 3.23
N GLU B 34 -4.77 11.72 3.88
CA GLU B 34 -4.77 11.76 5.33
C GLU B 34 -5.50 10.54 5.90
N PRO B 35 -6.65 10.14 5.34
CA PRO B 35 -7.29 8.91 5.86
C PRO B 35 -6.44 7.67 5.70
N HIS B 36 -5.71 7.56 4.59
CA HIS B 36 -4.89 6.37 4.40
C HIS B 36 -3.68 6.38 5.33
N ALA B 37 -3.05 7.53 5.48
CA ALA B 37 -1.95 7.66 6.44
C ALA B 37 -2.44 7.30 7.84
N THR B 38 -3.63 7.76 8.21
CA THR B 38 -4.19 7.46 9.53
C THR B 38 -4.45 5.96 9.67
N LYS B 39 -5.00 5.34 8.63
CA LYS B 39 -5.24 3.91 8.65
C LYS B 39 -3.94 3.14 8.90
N LEU B 40 -2.87 3.50 8.19
CA LEU B 40 -1.60 2.80 8.37
C LEU B 40 -1.04 3.04 9.77
N MET B 41 -1.10 4.29 10.25
CA MET B 41 -0.61 4.58 11.59
C MET B 41 -1.35 3.75 12.62
N LEU B 42 -2.66 3.64 12.48
CA LEU B 42 -3.45 2.88 13.45
C LEU B 42 -3.16 1.39 13.36
N GLN B 43 -2.87 0.90 12.16
CA GLN B 43 -2.46 -0.53 12.03
CA GLN B 43 -2.45 -0.52 12.02
C GLN B 43 -1.14 -0.80 12.80
N VAL B 44 -0.19 0.12 12.67
CA VAL B 44 1.10 -0.03 13.42
C VAL B 44 0.79 0.02 14.91
N HIS B 45 -0.03 0.97 15.34
CA HIS B 45 -0.33 1.16 16.79
C HIS B 45 -1.09 -0.04 17.36
N ASN B 46 -2.04 -0.55 16.61
CA ASN B 46 -2.94 -1.60 17.13
C ASN B 46 -2.35 -3.00 16.91
N GLU B 47 -1.67 -3.23 15.78
CA GLU B 47 -1.17 -4.59 15.44
C GLU B 47 0.33 -4.70 15.69
N GLY B 48 1.02 -3.59 15.92
CA GLY B 48 2.42 -3.60 16.23
C GLY B 48 3.31 -3.27 15.03
N LYS B 49 2.75 -3.40 13.84
CA LYS B 49 3.54 -3.14 12.62
C LYS B 49 2.59 -3.03 11.44
N ALA B 50 3.08 -2.48 10.34
CA ALA B 50 2.31 -2.41 9.11
C ALA B 50 3.24 -2.22 7.93
N VAL B 51 2.86 -2.80 6.80
CA VAL B 51 3.48 -2.48 5.52
C VAL B 51 3.03 -1.08 5.12
N VAL B 52 3.99 -0.19 4.90
CA VAL B 52 3.69 1.20 4.57
C VAL B 52 4.11 1.60 3.17
N SER B 53 4.90 0.79 2.48
CA SER B 53 5.31 1.11 1.13
CA SER B 53 5.29 1.10 1.12
C SER B 53 5.79 -0.18 0.46
N ALA B 54 5.84 -0.16 -0.87
CA ALA B 54 6.22 -1.32 -1.64
C ALA B 54 6.86 -0.86 -2.95
N GLY B 55 7.82 -1.64 -3.42
CA GLY B 55 8.49 -1.34 -4.68
C GLY B 55 9.81 -2.10 -4.75
N SER B 56 10.74 -1.54 -5.50
CA SER B 56 12.04 -2.18 -5.64
C SER B 56 12.80 -2.14 -4.32
N ARG B 57 13.77 -3.04 -4.19
CA ARG B 57 14.64 -3.02 -3.03
C ARG B 57 15.28 -1.65 -2.84
N GLU B 58 15.75 -1.05 -3.93
CA GLU B 58 16.42 0.24 -3.83
C GLU B 58 15.46 1.31 -3.31
N SER B 59 14.22 1.30 -3.79
CA SER B 59 13.25 2.27 -3.31
C SER B 59 12.93 2.04 -1.84
N MET B 60 12.79 0.78 -1.43
CA MET B 60 12.50 0.50 -0.02
C MET B 60 13.68 0.88 0.87
N GLU B 61 14.91 0.72 0.40
CA GLU B 61 16.06 1.17 1.17
C GLU B 61 15.93 2.65 1.49
N VAL B 62 15.53 3.45 0.51
CA VAL B 62 15.44 4.88 0.73
C VAL B 62 14.24 5.21 1.61
N ASP B 63 13.12 4.51 1.44
CA ASP B 63 11.99 4.70 2.35
C ASP B 63 12.38 4.40 3.79
N VAL B 64 13.11 3.31 4.01
CA VAL B 64 13.59 3.00 5.36
C VAL B 64 14.46 4.13 5.87
N SER B 65 15.38 4.62 5.04
CA SER B 65 16.27 5.70 5.48
C SER B 65 15.48 6.96 5.83
N LYS B 66 14.49 7.29 4.98
CA LYS B 66 13.66 8.48 5.25
C LYS B 66 12.90 8.31 6.56
N LEU B 67 12.35 7.12 6.79
CA LEU B 67 11.61 6.87 8.02
C LEU B 67 12.52 6.95 9.23
N HIS B 68 13.70 6.37 9.14
CA HIS B 68 14.69 6.43 10.24
C HIS B 68 15.05 7.89 10.54
N ALA B 69 15.27 8.71 9.51
CA ALA B 69 15.61 10.10 9.73
C ALA B 69 14.47 10.86 10.39
N ALA B 70 13.23 10.46 10.10
CA ALA B 70 12.07 11.06 10.73
C ALA B 70 11.85 10.59 12.16
N GLY B 71 12.60 9.58 12.61
CA GLY B 71 12.47 9.09 13.97
C GLY B 71 11.62 7.86 14.13
N LEU B 72 11.14 7.26 13.05
CA LEU B 72 10.33 6.07 13.12
CA LEU B 72 10.33 6.06 13.11
C LEU B 72 11.20 4.82 12.95
N TRP B 73 10.64 3.67 13.28
CA TRP B 73 11.36 2.39 13.23
C TRP B 73 10.86 1.61 12.03
N ALA B 74 11.75 1.36 11.08
CA ALA B 74 11.35 0.75 9.83
C ALA B 74 12.35 -0.32 9.42
N THR B 75 11.83 -1.35 8.77
CA THR B 75 12.63 -2.40 8.18
C THR B 75 12.08 -2.68 6.79
N MET B 76 12.79 -3.52 6.03
CA MET B 76 12.32 -3.92 4.72
CA MET B 76 12.31 -3.91 4.72
C MET B 76 12.54 -5.41 4.54
N GLN B 77 11.75 -6.00 3.67
CA GLN B 77 11.91 -7.41 3.36
C GLN B 77 11.31 -7.67 1.99
N GLN B 78 11.73 -8.78 1.39
CA GLN B 78 11.20 -9.18 0.10
C GLN B 78 9.74 -9.56 0.27
N ASP B 79 8.92 -9.18 -0.71
CA ASP B 79 7.53 -9.58 -0.71
C ASP B 79 7.43 -11.01 -1.24
N ARG B 80 6.45 -11.76 -0.74
CA ARG B 80 6.31 -13.16 -1.12
C ARG B 80 5.39 -13.32 -2.34
N TYR C . -1.13 -0.89 -20.21
CA TYR C . -1.84 0.40 -20.10
C TYR C . -1.43 1.33 -21.27
O TYR C . -0.28 1.44 -21.66
CB TYR C . -1.63 1.08 -18.75
CG TYR C . -2.21 0.29 -17.58
CD1 TYR C . -3.29 -0.57 -17.74
CD2 TYR C . -1.68 0.41 -16.30
CE1 TYR C . -3.83 -1.28 -16.68
CE2 TYR C . -2.20 -0.29 -15.23
CZ TYR C . -3.27 -1.14 -15.42
OH TYR C . -3.79 -1.83 -14.37
H2 TYR C . -1.38 -1.44 -19.54
H TYR C . -1.47 -1.16 -20.95
HA TYR C . -2.79 0.21 -20.20
HB2 TYR C . -0.67 1.21 -18.61
HB3 TYR C . -2.06 1.97 -18.78
HD1 TYR C . -3.68 -0.67 -18.60
HD2 TYR C . -0.94 1.00 -16.17
HE1 TYR C . -4.55 -1.85 -16.81
HE2 TYR C . -1.82 -0.18 -14.38
HH TYR C . -3.47 -2.62 -14.36
N ARG D . -2.39 2.05 -21.79
CA ARG D . -2.14 2.94 -22.95
C ARG D . -1.96 4.39 -22.53
O ARG D . -2.45 4.75 -21.48
CB ARG D . -3.37 2.83 -23.85
CG ARG D . -3.50 1.47 -24.52
CD ARG D . -4.49 1.54 -25.65
NE ARG D . -5.86 1.78 -25.18
CZ ARG D . -6.53 2.91 -25.26
NH1 ARG D . -6.08 3.91 -26.00
NH2 ARG D . -7.67 3.05 -24.62
OXT ARG D . -1.37 5.13 -23.28
H ARG D . -3.22 2.08 -21.44
HA ARG D . -1.33 2.62 -23.44
HB2 ARG D . -4.16 3.00 -23.29
HB3 ARG D . -3.32 3.52 -24.54
HG2 ARG D . -2.64 1.19 -24.85
HG3 ARG D . -3.82 0.82 -23.86
HD2 ARG D . -4.23 2.26 -26.27
HD3 ARG D . -4.47 0.70 -26.15
HE ARG D . -6.27 1.11 -24.79
HH11 ARG D . -5.80 4.66 -25.61
HH12 ARG D . -6.07 3.84 -26.88
HH21 ARG D . -8.28 2.42 -24.69
HH22 ARG D . -7.81 3.76 -24.13
MG MG E . -5.75 -3.87 -15.18
MG MG F . 0.86 -0.58 -21.32
MG MG G . 3.37 -10.04 0.73
C1 GOL H . -11.21 3.82 -21.14
O1 GOL H . -12.09 3.81 -20.03
C2 GOL H . -10.20 2.70 -20.98
O2 GOL H . -9.27 3.01 -19.95
C3 GOL H . -9.47 2.48 -22.29
O3 GOL H . -10.24 1.68 -23.15
H11 GOL H . -10.78 4.67 -21.21
H12 GOL H . -11.72 3.68 -21.96
HO1 GOL H . -11.71 3.43 -19.38
H2 GOL H . -10.65 1.89 -20.72
HO2 GOL H . -9.66 3.39 -19.31
H31 GOL H . -8.62 2.06 -22.13
H32 GOL H . -9.29 3.34 -22.71
HO3 GOL H . -9.74 1.15 -23.55
C1 GOL I . -16.02 13.11 -8.75
O1 GOL I . -15.46 14.02 -7.83
C2 GOL I . -14.91 12.31 -9.44
O2 GOL I . -14.23 13.08 -10.42
C3 GOL I . -15.55 11.07 -10.03
O3 GOL I . -16.20 11.38 -11.24
H11 GOL I . -16.53 13.60 -9.43
H12 GOL I . -16.63 12.51 -8.31
HO1 GOL I . -14.68 14.23 -8.09
H2 GOL I . -14.24 12.06 -8.79
HO2 GOL I . -14.63 13.01 -11.16
H31 GOL I . -16.19 10.68 -9.40
H32 GOL I . -14.87 10.39 -10.19
HO3 GOL I . -16.65 12.08 -11.16
C1 EDO J . -4.23 13.46 11.41
O1 EDO J . -5.14 14.43 10.89
C2 EDO J . -4.21 13.53 12.93
O2 EDO J . -3.34 12.52 13.47
H11 EDO J . -3.34 13.62 11.06
H12 EDO J . -4.50 12.57 11.12
HO1 EDO J . -5.44 14.17 10.14
H21 EDO J . -5.10 13.41 13.28
H22 EDO J . -3.90 14.41 13.21
HO2 EDO J . -3.77 11.81 13.56
C1 EDO K . -0.30 -6.36 18.97
O1 EDO K . -1.67 -6.57 18.66
C2 EDO K . -0.07 -4.91 19.40
O2 EDO K . 1.25 -4.79 19.93
H11 EDO K . 0.25 -6.56 18.19
H12 EDO K . -0.02 -6.95 19.68
HO1 EDO K . -2.00 -5.89 18.31
H21 EDO K . -0.73 -4.65 20.06
H22 EDO K . -0.18 -4.32 18.64
HO2 EDO K . 1.29 -4.09 20.41
C1 PGE L . 4.92 -8.32 7.36
O1 PGE L . 4.14 -7.18 7.64
C2 PGE L . 5.32 -9.01 8.61
O2 PGE L . 6.39 -8.31 9.24
C3 PGE L . 7.28 -9.17 9.95
C4 PGE L . 6.50 -10.02 10.90
O4 PGE L . 5.01 -10.28 14.91
C6 PGE L . 6.02 -9.86 14.03
C5 PGE L . 6.39 -10.89 13.06
O3 PGE L . 7.24 -10.33 12.06
H1 PGE L . 5.72 -8.04 6.88
H12 PGE L . 4.41 -8.92 6.81
HO1 PGE L . 3.67 -7.00 6.96
H2 PGE L . 5.59 -9.91 8.40
H22 PGE L . 4.55 -9.05 9.21
H3 PGE L . 7.92 -8.62 10.45
H32 PGE L . 7.76 -9.72 9.33
H4 PGE L . 6.24 -10.84 10.45
H42 PGE L . 5.69 -9.55 11.16
HO4 PGE L . 4.82 -9.67 15.45
H6 PGE L . 6.81 -9.62 14.55
H62 PGE L . 5.72 -9.07 13.56
H5 PGE L . 5.59 -11.25 12.64
H52 PGE L . 6.85 -11.63 13.50
N TYR M . 2.69 4.16 19.89
CA TYR M . 2.67 5.63 19.77
C TYR M . 1.89 6.36 20.87
O TYR M . 0.99 5.86 21.53
CB TYR M . 2.05 5.87 18.39
CG TYR M . 2.87 5.35 17.22
CD1 TYR M . 4.26 5.39 17.24
CD2 TYR M . 2.25 4.78 16.11
CE1 TYR M . 5.01 4.90 16.18
CE2 TYR M . 2.98 4.30 15.05
CZ TYR M . 4.37 4.36 15.08
OH TYR M . 5.08 3.90 14.01
H2 TYR M . 3.51 3.86 19.73
H TYR M . 2.16 3.88 19.27
HA TYR M . 3.60 5.96 19.77
HB2 TYR M . 1.16 5.44 18.37
HB3 TYR M . 1.91 6.84 18.28
HD1 TYR M . 4.72 5.76 17.98
HD2 TYR M . 1.31 4.75 16.08
HE1 TYR M . 5.94 4.94 16.20
HE2 TYR M . 2.54 3.94 14.29
HH TYR M . 4.56 3.69 13.38
N ARG N . 2.13 7.63 20.99
CA ARG N . 1.53 8.41 22.10
C ARG N . 0.43 9.32 21.56
O ARG N . -0.36 9.76 22.40
CB ARG N . 2.65 9.24 22.73
CG ARG N . 3.77 8.45 23.35
CD ARG N . 4.61 9.32 24.26
NE ARG N . 5.43 10.26 23.47
CZ ARG N . 5.21 11.56 23.33
NH1 ARG N . 5.88 12.22 22.42
NH2 ARG N . 4.33 12.18 24.09
OXT ARG N . 0.36 9.62 20.38
H ARG N . 2.66 8.07 20.42
HA ARG N . 1.16 7.81 22.78
HB2 ARG N . 3.02 9.83 22.04
HB3 ARG N . 2.25 9.82 23.42
HG2 ARG N . 3.39 7.70 23.88
HG3 ARG N . 4.34 8.07 22.65
HD2 ARG N . 4.02 9.82 24.86
HD3 ARG N . 5.19 8.75 24.80
HE ARG N . 6.13 9.92 23.07
HH11 ARG N . 6.59 11.86 22.04
HH12 ARG N . 5.61 13.04 22.17
HH21 ARG N . 3.47 12.14 23.88
HH22 ARG N . 4.60 12.63 24.79
NI NI O . 20.96 0.19 -2.56
MG MG P . 7.94 3.74 14.53
MG MG Q . 1.45 3.65 21.70
C1 EDO R . 13.06 -7.49 8.95
O1 EDO R . 13.71 -7.29 7.71
C2 EDO R . 11.60 -7.25 8.89
O2 EDO R . 11.20 -6.77 7.63
H11 EDO R . 13.44 -6.89 9.61
H12 EDO R . 13.23 -8.40 9.25
HO1 EDO R . 13.15 -7.35 7.09
H21 EDO R . 11.36 -6.62 9.57
H22 EDO R . 11.14 -8.10 9.07
HO2 EDO R . 10.49 -7.15 7.40
#